data_4C6S
#
_entry.id   4C6S
#
_cell.length_a   71.265
_cell.length_b   71.265
_cell.length_c   66.724
_cell.angle_alpha   90.00
_cell.angle_beta   90.00
_cell.angle_gamma   90.00
#
_symmetry.space_group_name_H-M   'P 43 21 2'
#
loop_
_entity.id
_entity.type
_entity.pdbx_description
1 polymer 'PROBABLE WRKY TRANSCRIPTION FACTOR 52'
2 non-polymer GLYCEROL
3 non-polymer 'SULFATE ION'
4 non-polymer 'SODIUM ION'
5 water water
#
_entity_poly.entity_id   1
_entity_poly.type   'polypeptide(L)'
_entity_poly.pdbx_seq_one_letter_code
;SNADEEFVCISCVEEVRYSFVSHLSEALRRKGINNVVVDVDIDDLLFKESQAKIEKAGVSVMVLPGNCDPSEVWLDKFAK
VLECQRNNKDQAVVSVLYGDSLLRDQWLSELDFRGLSRIHQSRKECSDSILVEEIVRDVYETHFYVGRIG
;
_entity_poly.pdbx_strand_id   A
#
# COMPACT_ATOMS: atom_id res chain seq x y z
N GLU A 5 -6.16 -13.56 14.16
CA GLU A 5 -6.11 -12.11 14.00
C GLU A 5 -5.56 -11.72 12.65
N GLU A 6 -6.44 -11.39 11.73
CA GLU A 6 -6.01 -10.92 10.42
C GLU A 6 -5.40 -9.53 10.57
N PHE A 7 -4.39 -9.23 9.76
CA PHE A 7 -3.77 -7.92 9.84
C PHE A 7 -3.44 -7.37 8.46
N VAL A 8 -3.13 -6.07 8.41
CA VAL A 8 -2.84 -5.40 7.16
C VAL A 8 -1.35 -5.11 7.08
N CYS A 9 -0.76 -5.28 5.91
CA CYS A 9 0.63 -4.85 5.73
C CYS A 9 0.67 -3.67 4.79
N ILE A 10 1.18 -2.54 5.27
CA ILE A 10 1.35 -1.37 4.41
C ILE A 10 2.78 -1.31 3.93
N SER A 11 2.99 -1.30 2.61
CA SER A 11 4.34 -1.15 2.06
C SER A 11 4.47 0.25 1.48
N CYS A 12 5.65 0.86 1.61
CA CYS A 12 5.87 2.23 1.16
C CYS A 12 7.34 2.52 0.97
N VAL A 13 7.64 3.68 0.37
CA VAL A 13 9.03 4.12 0.29
C VAL A 13 9.37 4.95 1.53
N GLU A 14 10.65 5.16 1.80
CA GLU A 14 11.05 5.75 3.07
C GLU A 14 10.56 7.19 3.22
N GLU A 15 10.43 7.90 2.10
CA GLU A 15 10.00 9.30 2.10
C GLU A 15 8.65 9.56 2.76
N VAL A 16 7.74 8.59 2.74
CA VAL A 16 6.44 8.79 3.36
C VAL A 16 6.20 7.91 4.58
N ARG A 17 7.21 7.12 4.96
CA ARG A 17 7.09 6.24 6.11
C ARG A 17 6.66 6.97 7.41
N TYR A 18 7.23 8.14 7.66
CA TYR A 18 7.00 8.80 8.94
C TYR A 18 6.00 9.96 8.82
N SER A 19 5.48 10.16 7.62
CA SER A 19 4.48 11.19 7.38
C SER A 19 3.15 10.54 7.05
N PHE A 20 2.72 10.57 5.80
CA PHE A 20 1.42 9.99 5.41
C PHE A 20 1.15 8.58 5.93
N VAL A 21 2.10 7.67 5.76
CA VAL A 21 1.89 6.29 6.17
C VAL A 21 1.67 6.16 7.67
N SER A 22 2.30 7.04 8.45
CA SER A 22 2.15 6.92 9.91
C SER A 22 0.69 7.24 10.28
N HIS A 23 0.08 8.16 9.54
CA HIS A 23 -1.31 8.50 9.81
C HIS A 23 -2.22 7.37 9.38
N LEU A 24 -1.88 6.73 8.26
CA LEU A 24 -2.65 5.60 7.75
C LEU A 24 -2.60 4.43 8.73
N SER A 25 -1.40 4.12 9.21
CA SER A 25 -1.24 3.07 10.21
C SER A 25 -2.03 3.35 11.47
N GLU A 26 -1.97 4.60 11.95
CA GLU A 26 -2.64 4.92 13.20
C GLU A 26 -4.15 4.87 13.00
N ALA A 27 -4.62 5.26 11.81
CA ALA A 27 -6.06 5.23 11.55
C ALA A 27 -6.59 3.79 11.49
N LEU A 28 -5.82 2.90 10.87
CA LEU A 28 -6.19 1.48 10.87
C LEU A 28 -6.25 0.94 12.31
N ARG A 29 -5.26 1.29 13.12
CA ARG A 29 -5.24 0.82 14.51
C ARG A 29 -6.44 1.33 15.30
N ARG A 30 -6.82 2.58 15.07
CA ARG A 30 -7.98 3.16 15.76
C ARG A 30 -9.25 2.42 15.41
N LYS A 31 -9.25 1.81 14.23
CA LYS A 31 -10.42 1.13 13.72
C LYS A 31 -10.42 -0.31 14.21
N GLY A 32 -9.36 -0.69 14.92
CA GLY A 32 -9.26 -2.02 15.47
C GLY A 32 -8.61 -2.99 14.50
N ILE A 33 -7.88 -2.43 13.54
CA ILE A 33 -7.26 -3.25 12.51
C ILE A 33 -5.75 -3.29 12.71
N ASN A 34 -5.25 -4.44 13.15
CA ASN A 34 -3.82 -4.61 13.37
C ASN A 34 -3.07 -4.41 12.07
N ASN A 35 -1.90 -3.78 12.13
CA ASN A 35 -1.16 -3.52 10.89
C ASN A 35 0.33 -3.37 11.15
N VAL A 36 1.13 -3.59 10.11
CA VAL A 36 2.56 -3.40 10.21
C VAL A 36 2.96 -2.63 8.97
N VAL A 37 4.12 -1.98 9.03
CA VAL A 37 4.59 -1.20 7.89
C VAL A 37 5.91 -1.77 7.41
N VAL A 38 6.03 -1.94 6.10
CA VAL A 38 7.28 -2.38 5.50
C VAL A 38 7.80 -1.29 4.54
N ASP A 39 9.02 -0.85 4.81
CA ASP A 39 9.69 0.16 3.98
C ASP A 39 10.39 -0.59 2.85
N VAL A 40 10.00 -0.34 1.60
CA VAL A 40 10.54 -1.12 0.49
C VAL A 40 11.96 -0.67 0.11
N ASP A 41 12.44 0.38 0.76
CA ASP A 41 13.76 0.93 0.45
C ASP A 41 14.87 0.27 1.25
N ILE A 42 14.52 -0.68 2.10
CA ILE A 42 15.55 -1.34 2.92
C ILE A 42 16.35 -2.35 2.10
N ASP A 43 17.50 -2.76 2.63
CA ASP A 43 18.32 -3.77 1.97
C ASP A 43 17.54 -5.08 1.81
N ASP A 44 17.81 -5.82 0.73
CA ASP A 44 17.11 -7.08 0.48
C ASP A 44 17.41 -8.13 1.55
N LEU A 45 18.43 -7.87 2.36
CA LEU A 45 18.72 -8.65 3.54
C LEU A 45 17.55 -8.53 4.52
N LEU A 46 17.28 -7.32 5.00
CA LEU A 46 16.18 -7.05 5.92
C LEU A 46 14.83 -7.33 5.27
N PHE A 47 14.76 -7.24 3.94
CA PHE A 47 13.48 -7.48 3.28
C PHE A 47 13.10 -8.92 3.37
N LYS A 48 14.10 -9.78 3.21
CA LYS A 48 13.89 -11.22 3.28
C LYS A 48 13.34 -11.57 4.66
N GLU A 49 13.86 -10.89 5.69
CA GLU A 49 13.44 -11.10 7.06
C GLU A 49 12.10 -10.43 7.37
N SER A 50 11.51 -9.78 6.37
CA SER A 50 10.26 -9.06 6.57
C SER A 50 9.17 -9.59 5.63
N GLN A 51 9.55 -10.52 4.75
CA GLN A 51 8.64 -11.09 3.76
C GLN A 51 7.42 -11.74 4.40
N ALA A 52 7.63 -12.39 5.54
CA ALA A 52 6.56 -13.07 6.26
C ALA A 52 5.42 -12.12 6.62
N LYS A 53 5.76 -10.87 6.99
CA LYS A 53 4.76 -9.86 7.33
C LYS A 53 3.81 -9.66 6.16
N ILE A 54 4.37 -9.59 4.96
CA ILE A 54 3.59 -9.34 3.76
C ILE A 54 2.80 -10.59 3.40
N GLU A 55 3.49 -11.73 3.36
CA GLU A 55 2.85 -12.99 3.00
C GLU A 55 1.67 -13.36 3.90
N LYS A 56 1.81 -13.10 5.20
CA LYS A 56 0.77 -13.49 6.15
C LYS A 56 -0.34 -12.47 6.28
N ALA A 57 -0.17 -11.30 5.68
CA ALA A 57 -1.18 -10.24 5.77
C ALA A 57 -2.47 -10.63 5.01
N GLY A 58 -3.62 -10.34 5.62
CA GLY A 58 -4.89 -10.55 4.94
C GLY A 58 -5.10 -9.50 3.86
N VAL A 59 -4.57 -8.31 4.10
CA VAL A 59 -4.67 -7.23 3.12
C VAL A 59 -3.30 -6.58 2.96
N SER A 60 -2.91 -6.40 1.71
CA SER A 60 -1.65 -5.72 1.40
C SER A 60 -1.98 -4.36 0.81
N VAL A 61 -1.63 -3.30 1.54
CA VAL A 61 -1.86 -1.94 1.04
C VAL A 61 -0.54 -1.38 0.53
N MET A 62 -0.42 -1.22 -0.79
CA MET A 62 0.82 -0.69 -1.37
C MET A 62 0.67 0.80 -1.56
N VAL A 63 1.44 1.58 -0.80
CA VAL A 63 1.43 3.02 -0.95
C VAL A 63 2.54 3.38 -1.90
N LEU A 64 2.17 3.88 -3.07
CA LEU A 64 3.10 4.01 -4.18
C LEU A 64 3.53 5.45 -4.32
N PRO A 65 4.80 5.66 -4.74
CA PRO A 65 5.31 7.02 -4.96
C PRO A 65 4.80 7.57 -6.27
N GLY A 66 3.60 8.13 -6.23
CA GLY A 66 2.87 8.48 -7.44
C GLY A 66 3.47 9.60 -8.26
N ASN A 67 4.37 10.38 -7.67
CA ASN A 67 5.05 11.44 -8.41
C ASN A 67 6.17 10.90 -9.31
N CYS A 68 6.54 9.63 -9.10
CA CYS A 68 7.65 9.03 -9.83
C CYS A 68 7.20 8.17 -10.99
N ASP A 69 8.06 8.06 -12.00
CA ASP A 69 7.80 7.21 -13.17
C ASP A 69 7.71 5.75 -12.72
N PRO A 70 6.56 5.10 -12.94
CA PRO A 70 6.42 3.70 -12.53
C PRO A 70 7.48 2.80 -13.15
N SER A 71 8.05 3.20 -14.29
CA SER A 71 9.03 2.38 -14.96
C SER A 71 10.34 2.32 -14.20
N GLU A 72 10.53 3.23 -13.24
CA GLU A 72 11.73 3.25 -12.41
C GLU A 72 11.45 2.81 -10.99
N VAL A 73 10.19 2.51 -10.71
CA VAL A 73 9.77 2.18 -9.35
C VAL A 73 9.27 0.75 -9.19
N TRP A 74 8.42 0.30 -10.11
CA TRP A 74 7.70 -0.95 -9.87
C TRP A 74 8.60 -2.17 -9.75
N LEU A 75 9.25 -2.55 -10.84
CA LEU A 75 10.09 -3.74 -10.84
C LEU A 75 11.17 -3.63 -9.78
N ASP A 76 11.68 -2.42 -9.58
CA ASP A 76 12.78 -2.18 -8.68
C ASP A 76 12.40 -2.35 -7.21
N LYS A 77 11.19 -1.92 -6.86
CA LYS A 77 10.83 -1.79 -5.45
C LYS A 77 9.54 -2.50 -5.03
N PHE A 78 8.56 -2.58 -5.92
CA PHE A 78 7.25 -3.07 -5.49
C PHE A 78 6.87 -4.45 -6.05
N ALA A 79 7.48 -4.88 -7.14
CA ALA A 79 7.24 -6.23 -7.65
C ALA A 79 7.45 -7.27 -6.54
N LYS A 80 8.47 -7.07 -5.71
CA LYS A 80 8.76 -8.01 -4.64
C LYS A 80 7.68 -8.01 -3.56
N VAL A 81 6.90 -6.94 -3.48
CA VAL A 81 5.78 -6.92 -2.54
C VAL A 81 4.59 -7.71 -3.07
N LEU A 82 4.25 -7.48 -4.34
CA LEU A 82 3.09 -8.13 -4.93
C LEU A 82 3.29 -9.63 -5.07
N GLU A 83 4.55 -10.05 -5.27
CA GLU A 83 4.84 -11.46 -5.45
C GLU A 83 4.54 -12.22 -4.17
N CYS A 84 4.53 -11.51 -3.04
CA CYS A 84 4.17 -12.13 -1.77
C CYS A 84 2.69 -12.49 -1.69
N GLN A 85 1.88 -11.95 -2.61
CA GLN A 85 0.45 -12.23 -2.59
C GLN A 85 0.12 -13.69 -2.88
N ARG A 86 0.86 -14.32 -3.77
CA ARG A 86 0.51 -15.68 -4.15
C ARG A 86 0.80 -16.73 -3.07
N ASN A 87 1.54 -16.35 -2.03
CA ASN A 87 1.68 -17.19 -0.83
C ASN A 87 0.40 -17.12 0.02
N ASN A 88 -0.62 -16.45 -0.52
CA ASN A 88 -1.85 -16.17 0.20
C ASN A 88 -2.89 -15.60 -0.77
N LYS A 89 -3.57 -16.44 -1.53
CA LYS A 89 -4.56 -15.92 -2.47
C LYS A 89 -5.89 -15.58 -1.77
N ASP A 90 -5.88 -15.61 -0.44
CA ASP A 90 -6.92 -14.98 0.36
C ASP A 90 -6.56 -13.52 0.59
N GLN A 91 -5.35 -13.14 0.19
CA GLN A 91 -4.89 -11.79 0.44
C GLN A 91 -5.35 -10.82 -0.63
N ALA A 92 -5.99 -9.74 -0.19
CA ALA A 92 -6.38 -8.66 -1.09
C ALA A 92 -5.27 -7.64 -1.22
N VAL A 93 -5.20 -6.99 -2.37
CA VAL A 93 -4.23 -5.94 -2.58
C VAL A 93 -4.93 -4.61 -2.85
N VAL A 94 -4.58 -3.59 -2.07
CA VAL A 94 -5.15 -2.26 -2.29
C VAL A 94 -4.00 -1.33 -2.63
N SER A 95 -4.15 -0.49 -3.65
CA SER A 95 -3.05 0.36 -4.11
C SER A 95 -3.39 1.81 -3.86
N VAL A 96 -2.40 2.58 -3.46
CA VAL A 96 -2.63 4.00 -3.18
C VAL A 96 -1.62 4.81 -3.96
N LEU A 97 -2.12 5.65 -4.88
CA LEU A 97 -1.24 6.51 -5.66
C LEU A 97 -1.10 7.80 -4.89
N TYR A 98 0.00 7.94 -4.15
CA TYR A 98 0.15 9.06 -3.24
C TYR A 98 1.17 10.07 -3.77
N GLY A 99 0.80 11.35 -3.80
CA GLY A 99 1.74 12.38 -4.16
C GLY A 99 1.04 13.64 -4.60
N ASP A 100 1.73 14.77 -4.54
CA ASP A 100 1.13 16.07 -4.87
C ASP A 100 1.27 16.45 -6.35
N SER A 101 1.82 15.54 -7.13
CA SER A 101 2.07 15.80 -8.55
C SER A 101 2.09 14.47 -9.27
N LEU A 102 0.96 13.77 -9.22
CA LEU A 102 0.86 12.38 -9.71
C LEU A 102 1.09 12.27 -11.19
N LEU A 103 1.86 11.25 -11.57
CA LEU A 103 1.92 10.83 -12.97
C LEU A 103 0.77 9.84 -13.08
N ARG A 104 -0.46 10.37 -13.08
CA ARG A 104 -1.64 9.54 -12.85
C ARG A 104 -1.87 8.54 -13.97
N ASP A 105 -1.90 9.01 -15.21
CA ASP A 105 -2.16 8.11 -16.34
C ASP A 105 -1.11 6.99 -16.44
N GLN A 106 0.15 7.36 -16.19
CA GLN A 106 1.23 6.37 -16.19
C GLN A 106 1.04 5.30 -15.12
N TRP A 107 0.67 5.71 -13.92
CA TRP A 107 0.46 4.75 -12.84
C TRP A 107 -0.79 3.91 -13.05
N LEU A 108 -1.85 4.50 -13.60
CA LEU A 108 -3.06 3.71 -13.84
C LEU A 108 -2.77 2.60 -14.87
N SER A 109 -1.98 2.94 -15.88
CA SER A 109 -1.54 1.97 -16.88
C SER A 109 -0.72 0.87 -16.22
N GLU A 110 0.23 1.28 -15.40
CA GLU A 110 1.09 0.35 -14.69
C GLU A 110 0.25 -0.61 -13.85
N LEU A 111 -0.66 -0.07 -13.05
CA LEU A 111 -1.44 -0.94 -12.16
C LEU A 111 -2.33 -1.91 -12.93
N ASP A 112 -2.94 -1.44 -14.00
CA ASP A 112 -3.74 -2.31 -14.86
C ASP A 112 -2.91 -3.46 -15.42
N PHE A 113 -1.68 -3.15 -15.83
CA PHE A 113 -0.77 -4.17 -16.36
C PHE A 113 -0.43 -5.21 -15.30
N ARG A 114 -0.38 -4.78 -14.03
CA ARG A 114 -0.10 -5.68 -12.91
C ARG A 114 -1.36 -6.40 -12.42
N GLY A 115 -2.49 -6.14 -13.08
CA GLY A 115 -3.75 -6.78 -12.70
C GLY A 115 -4.36 -6.23 -11.43
N LEU A 116 -4.07 -4.96 -11.12
CA LEU A 116 -4.56 -4.35 -9.88
C LEU A 116 -5.63 -3.30 -10.19
N SER A 117 -6.78 -3.40 -9.52
CA SER A 117 -7.91 -2.54 -9.86
C SER A 117 -8.47 -1.78 -8.67
N ARG A 118 -8.01 -2.13 -7.47
CA ARG A 118 -8.46 -1.43 -6.26
C ARG A 118 -7.47 -0.32 -5.95
N ILE A 119 -7.87 0.91 -6.27
CA ILE A 119 -6.95 2.03 -6.33
C ILE A 119 -7.54 3.26 -5.64
N HIS A 120 -6.76 3.85 -4.73
CA HIS A 120 -7.07 5.14 -4.12
C HIS A 120 -6.01 6.11 -4.61
N GLN A 121 -6.36 7.39 -4.78
CA GLN A 121 -5.40 8.36 -5.29
C GLN A 121 -5.46 9.71 -4.57
N SER A 122 -4.30 10.33 -4.40
CA SER A 122 -4.28 11.76 -4.04
C SER A 122 -5.06 12.57 -5.07
N ARG A 123 -5.74 13.61 -4.57
CA ARG A 123 -6.53 14.51 -5.42
C ARG A 123 -6.20 15.94 -5.09
N LYS A 124 -6.31 16.80 -6.09
CA LYS A 124 -6.09 18.23 -5.96
C LYS A 124 -6.94 18.83 -4.85
N GLU A 125 -6.27 19.50 -3.90
CA GLU A 125 -6.93 20.13 -2.76
C GLU A 125 -7.96 19.25 -2.07
N CYS A 126 -7.69 17.93 -2.04
CA CYS A 126 -8.40 16.98 -1.19
C CYS A 126 -7.44 16.58 -0.09
N SER A 127 -7.90 16.68 1.15
CA SER A 127 -7.01 16.48 2.30
C SER A 127 -6.52 15.04 2.42
N ASP A 128 -5.29 14.88 2.87
CA ASP A 128 -4.75 13.55 3.11
C ASP A 128 -5.52 12.83 4.22
N SER A 129 -6.11 13.59 5.14
CA SER A 129 -6.86 12.97 6.22
C SER A 129 -8.08 12.29 5.63
N ILE A 130 -8.67 12.90 4.62
CA ILE A 130 -9.81 12.29 3.93
C ILE A 130 -9.35 11.03 3.18
N LEU A 131 -8.21 11.13 2.49
CA LEU A 131 -7.66 9.98 1.76
C LEU A 131 -7.41 8.81 2.70
N VAL A 132 -6.82 9.09 3.86
CA VAL A 132 -6.64 8.03 4.85
C VAL A 132 -7.99 7.40 5.24
N GLU A 133 -8.98 8.23 5.53
CA GLU A 133 -10.29 7.70 5.93
C GLU A 133 -10.88 6.86 4.81
N GLU A 134 -10.65 7.26 3.56
CA GLU A 134 -11.17 6.50 2.43
C GLU A 134 -10.52 5.13 2.35
N ILE A 135 -9.21 5.09 2.56
CA ILE A 135 -8.50 3.81 2.49
C ILE A 135 -8.98 2.91 3.63
N VAL A 136 -9.08 3.48 4.83
CA VAL A 136 -9.56 2.74 6.00
C VAL A 136 -10.98 2.18 5.79
N ARG A 137 -11.88 2.99 5.24
CA ARG A 137 -13.26 2.54 5.05
C ARG A 137 -13.30 1.35 4.09
N ASP A 138 -12.50 1.44 3.03
CA ASP A 138 -12.42 0.37 2.03
C ASP A 138 -11.90 -0.91 2.67
N VAL A 139 -10.77 -0.82 3.36
CA VAL A 139 -10.18 -2.02 3.98
C VAL A 139 -11.11 -2.60 5.03
N TYR A 140 -11.68 -1.72 5.85
CA TYR A 140 -12.58 -2.15 6.93
C TYR A 140 -13.81 -2.88 6.42
N GLU A 141 -14.54 -2.25 5.51
CA GLU A 141 -15.82 -2.79 5.08
C GLU A 141 -15.62 -4.01 4.20
N THR A 142 -14.49 -4.06 3.50
CA THR A 142 -14.25 -5.18 2.60
C THR A 142 -13.78 -6.43 3.35
N HIS A 143 -13.05 -6.26 4.45
CA HIS A 143 -12.33 -7.38 5.04
C HIS A 143 -12.48 -7.58 6.54
N PHE A 144 -12.98 -6.58 7.25
CA PHE A 144 -13.01 -6.61 8.70
C PHE A 144 -14.40 -6.30 9.24
N TYR A 145 -15.38 -6.35 8.35
CA TYR A 145 -16.75 -6.07 8.70
C TYR A 145 -17.57 -7.02 7.85
N VAL A 146 -18.57 -7.65 8.45
CA VAL A 146 -19.37 -8.60 7.70
C VAL A 146 -20.86 -8.30 7.79
#